data_9HDZ
#
_entry.id   9HDZ
#
_cell.length_a   69.429
_cell.length_b   61.519
_cell.length_c   71.252
_cell.angle_alpha   90.00
_cell.angle_beta   112.11
_cell.angle_gamma   90.00
#
_symmetry.space_group_name_H-M   'P 1 21 1'
#
loop_
_entity.id
_entity.type
_entity.pdbx_description
1 polymer "Uridine 5'-monophosphate synthase"
2 non-polymer "5-METHYLURIDINE 5'-MONOPHOSPHATE"
3 water water
#
_entity_poly.entity_id   1
_entity_poly.type   'polypeptide(L)'
_entity_poly.pdbx_seq_one_letter_code
;MELSFGARAELPRIHPVASKLLRLMQKKETNLCLSADVSLARELLQLADALGPSICMLKTHVDILNDFTLDVMKELITLA
K(CSS)HEFLIFEDRKFADIGNTVKKQYEGGIFKIASWADLVNAHVVPGSGVVKGLQEVGLPLHRGCLLIAEMSSTGSLA
TGDYTRAAVRMAEEHSEFVVGFISGSRVSMKPEFLHLTPGVQLEAGGDNLGQQYNSPQEVIGKRGSDIIIVGRGIISAAD
RLEAAEMYRKAAWEAYLSRLGV
;
_entity_poly.pdbx_strand_id   A,B
#
loop_
_chem_comp.id
_chem_comp.type
_chem_comp.name
_chem_comp.formula
5MU RNA linking '5-METHYLURIDINE 5'-MONOPHOSPHATE' 'C10 H15 N2 O9 P'
#
# COMPACT_ATOMS: atom_id res chain seq x y z
N MET A 1 -14.28 -29.48 17.52
CA MET A 1 -13.39 -28.41 17.97
C MET A 1 -13.70 -27.12 17.23
N GLU A 2 -14.08 -27.24 15.95
CA GLU A 2 -14.36 -26.07 15.14
C GLU A 2 -15.78 -25.56 15.35
N LEU A 3 -15.92 -24.25 15.40
CA LEU A 3 -17.19 -23.60 15.63
C LEU A 3 -17.79 -23.05 14.34
N SER A 4 -19.10 -23.07 14.27
CA SER A 4 -19.78 -22.44 13.16
C SER A 4 -19.50 -20.94 13.17
N PHE A 5 -19.76 -20.31 12.01
CA PHE A 5 -19.68 -18.86 11.95
C PHE A 5 -20.61 -18.26 12.99
N GLY A 6 -21.82 -18.80 13.12
CA GLY A 6 -22.75 -18.25 14.09
C GLY A 6 -22.23 -18.27 15.52
N ALA A 7 -21.61 -19.38 15.92
CA ALA A 7 -21.07 -19.48 17.26
C ALA A 7 -19.83 -18.60 17.43
N ARG A 8 -19.00 -18.49 16.37
CA ARG A 8 -17.84 -17.61 16.49
C ARG A 8 -18.28 -16.17 16.70
N ALA A 9 -19.42 -15.79 16.09
CA ALA A 9 -19.88 -14.42 16.27
C ALA A 9 -20.18 -14.10 17.73
N GLU A 10 -20.36 -15.11 18.59
CA GLU A 10 -20.74 -14.93 20.00
C GLU A 10 -19.54 -15.08 20.93
N LEU A 11 -18.35 -15.35 20.43
CA LEU A 11 -17.22 -15.61 21.29
C LEU A 11 -16.95 -14.40 22.19
N PRO A 12 -16.50 -14.63 23.39
CA PRO A 12 -16.27 -13.50 24.31
C PRO A 12 -15.37 -12.38 23.78
N ARG A 13 -14.29 -12.72 23.09
CA ARG A 13 -13.31 -11.75 22.60
C ARG A 13 -13.58 -11.27 21.19
N ILE A 14 -14.71 -11.63 20.60
CA ILE A 14 -14.95 -11.27 19.21
C ILE A 14 -15.06 -9.74 19.12
N HIS A 15 -14.51 -9.18 18.06
CA HIS A 15 -14.67 -7.77 17.76
C HIS A 15 -16.05 -7.54 17.13
N PRO A 16 -16.70 -6.42 17.44
N PRO A 16 -16.69 -6.43 17.45
CA PRO A 16 -18.07 -6.21 16.92
CA PRO A 16 -18.05 -6.19 16.92
C PRO A 16 -18.18 -6.31 15.41
C PRO A 16 -18.18 -6.30 15.42
N VAL A 17 -17.17 -5.84 14.67
CA VAL A 17 -17.23 -5.92 13.22
C VAL A 17 -17.15 -7.37 12.76
N ALA A 18 -16.31 -8.16 13.39
CA ALA A 18 -16.22 -9.56 13.04
C ALA A 18 -17.55 -10.26 13.37
N SER A 19 -18.12 -9.92 14.51
CA SER A 19 -19.36 -10.52 14.93
C SER A 19 -20.45 -10.19 13.96
N LYS A 20 -20.53 -8.94 13.56
CA LYS A 20 -21.53 -8.53 12.59
C LYS A 20 -21.35 -9.29 11.28
N LEU A 21 -20.10 -9.45 10.84
CA LEU A 21 -19.80 -10.19 9.61
C LEU A 21 -20.18 -11.66 9.76
N LEU A 22 -19.74 -12.31 10.84
CA LEU A 22 -20.02 -13.72 11.04
C LEU A 22 -21.54 -13.99 11.10
N ARG A 23 -22.29 -13.11 11.73
N ARG A 23 -22.29 -13.11 11.73
CA ARG A 23 -23.72 -13.30 11.83
CA ARG A 23 -23.72 -13.30 11.83
C ARG A 23 -24.40 -13.28 10.48
C ARG A 23 -24.41 -13.28 10.48
N LEU A 24 -24.03 -12.33 9.65
CA LEU A 24 -24.62 -12.24 8.31
C LEU A 24 -24.12 -13.35 7.39
N MET A 25 -22.90 -13.83 7.59
CA MET A 25 -22.45 -15.01 6.84
C MET A 25 -23.33 -16.21 7.13
N GLN A 26 -23.65 -16.45 8.41
CA GLN A 26 -24.53 -17.56 8.77
C GLN A 26 -25.95 -17.37 8.23
N LYS A 27 -26.48 -16.17 8.40
CA LYS A 27 -27.85 -15.91 8.01
C LYS A 27 -28.02 -16.11 6.53
N LYS A 28 -27.11 -15.62 5.73
CA LYS A 28 -27.22 -15.63 4.27
C LYS A 28 -26.55 -16.84 3.63
N GLU A 29 -25.89 -17.68 4.41
N GLU A 29 -25.87 -17.67 4.41
CA GLU A 29 -25.17 -18.83 3.90
CA GLU A 29 -25.18 -18.84 3.89
C GLU A 29 -24.19 -18.41 2.80
C GLU A 29 -24.17 -18.43 2.81
N THR A 30 -23.36 -17.41 3.13
CA THR A 30 -22.35 -16.95 2.19
C THR A 30 -21.08 -16.58 2.92
N ASN A 31 -19.98 -17.16 2.47
CA ASN A 31 -18.65 -16.79 2.85
C ASN A 31 -17.86 -16.33 1.62
N LEU A 32 -18.52 -15.61 0.70
CA LEU A 32 -17.94 -15.05 -0.52
C LEU A 32 -17.81 -13.55 -0.39
N CYS A 33 -16.62 -13.05 -0.66
CA CYS A 33 -16.33 -11.62 -0.79
C CYS A 33 -16.10 -11.33 -2.27
N LEU A 34 -16.95 -10.49 -2.84
CA LEU A 34 -16.73 -10.02 -4.20
C LEU A 34 -15.65 -8.94 -4.24
N SER A 35 -14.65 -9.15 -5.08
CA SER A 35 -13.64 -8.13 -5.38
C SER A 35 -14.12 -7.36 -6.60
N ALA A 36 -14.56 -6.12 -6.40
CA ALA A 36 -15.19 -5.35 -7.46
C ALA A 36 -14.17 -4.37 -8.03
N ASP A 37 -13.23 -4.93 -8.78
CA ASP A 37 -12.16 -4.13 -9.36
C ASP A 37 -12.67 -3.53 -10.65
N VAL A 38 -13.32 -2.37 -10.56
CA VAL A 38 -13.99 -1.74 -11.69
C VAL A 38 -13.56 -0.28 -11.76
N SER A 39 -13.72 0.31 -12.94
N SER A 39 -13.72 0.31 -12.94
CA SER A 39 -13.26 1.67 -13.19
CA SER A 39 -13.25 1.66 -13.19
C SER A 39 -14.35 2.72 -13.08
C SER A 39 -14.35 2.72 -13.08
N LEU A 40 -15.61 2.31 -13.01
CA LEU A 40 -16.75 3.23 -13.00
C LEU A 40 -17.61 3.01 -11.77
N ALA A 41 -17.99 4.10 -11.14
CA ALA A 41 -18.87 4.02 -9.98
C ALA A 41 -20.15 3.30 -10.33
N ARG A 42 -20.69 3.55 -11.52
CA ARG A 42 -21.92 2.91 -11.93
C ARG A 42 -21.79 1.38 -11.87
N GLU A 43 -20.66 0.87 -12.34
CA GLU A 43 -20.45 -0.58 -12.33
C GLU A 43 -20.32 -1.07 -10.92
N LEU A 44 -19.64 -0.33 -10.05
CA LEU A 44 -19.50 -0.74 -8.66
C LEU A 44 -20.87 -0.88 -8.01
N LEU A 45 -21.75 0.10 -8.21
CA LEU A 45 -23.04 0.08 -7.53
C LEU A 45 -23.97 -0.96 -8.15
N GLN A 46 -23.89 -1.14 -9.48
CA GLN A 46 -24.72 -2.17 -10.10
C GLN A 46 -24.35 -3.56 -9.63
N LEU A 47 -23.05 -3.85 -9.53
CA LEU A 47 -22.64 -5.16 -9.04
C LEU A 47 -22.98 -5.33 -7.57
N ALA A 48 -22.75 -4.29 -6.75
CA ALA A 48 -23.12 -4.41 -5.35
C ALA A 48 -24.61 -4.72 -5.20
N ASP A 49 -25.47 -4.06 -6.00
CA ASP A 49 -26.90 -4.28 -5.87
C ASP A 49 -27.30 -5.68 -6.34
N ALA A 50 -26.78 -6.10 -7.49
CA ALA A 50 -27.15 -7.37 -8.09
C ALA A 50 -26.62 -8.55 -7.31
N LEU A 51 -25.38 -8.45 -6.85
CA LEU A 51 -24.71 -9.56 -6.18
C LEU A 51 -24.76 -9.47 -4.67
N GLY A 52 -25.24 -8.36 -4.10
CA GLY A 52 -25.29 -8.21 -2.67
C GLY A 52 -25.93 -9.38 -1.93
N PRO A 53 -27.03 -9.93 -2.42
CA PRO A 53 -27.63 -11.09 -1.73
C PRO A 53 -26.70 -12.28 -1.63
N SER A 54 -25.73 -12.40 -2.52
CA SER A 54 -24.88 -13.57 -2.60
C SER A 54 -23.61 -13.46 -1.81
N ILE A 55 -23.29 -12.27 -1.26
CA ILE A 55 -21.96 -12.02 -0.69
C ILE A 55 -22.08 -11.59 0.76
N CYS A 56 -21.02 -11.85 1.52
CA CYS A 56 -20.90 -11.35 2.87
C CYS A 56 -20.10 -10.05 2.90
N MET A 57 -19.45 -9.71 1.80
CA MET A 57 -18.49 -8.62 1.82
C MET A 57 -18.23 -8.18 0.39
N LEU A 58 -17.97 -6.89 0.23
CA LEU A 58 -17.60 -6.33 -1.06
C LEU A 58 -16.29 -5.62 -0.85
N LYS A 59 -15.28 -6.02 -1.61
CA LYS A 59 -13.94 -5.49 -1.47
C LYS A 59 -13.72 -4.47 -2.57
N THR A 60 -13.35 -3.25 -2.18
CA THR A 60 -13.23 -2.12 -3.12
C THR A 60 -11.76 -1.79 -3.28
N HIS A 61 -11.41 -1.19 -4.42
CA HIS A 61 -10.17 -0.42 -4.67
C HIS A 61 -10.66 0.93 -5.15
N VAL A 62 -10.98 1.84 -4.22
CA VAL A 62 -11.59 3.12 -4.64
C VAL A 62 -10.61 3.92 -5.54
N ASP A 63 -9.32 3.67 -5.40
CA ASP A 63 -8.33 4.40 -6.23
C ASP A 63 -8.30 3.99 -7.71
N ILE A 64 -9.06 2.96 -8.08
CA ILE A 64 -9.20 2.58 -9.47
C ILE A 64 -10.47 3.14 -10.06
N LEU A 65 -11.34 3.73 -9.23
CA LEU A 65 -12.54 4.35 -9.77
C LEU A 65 -12.19 5.66 -10.41
N ASN A 66 -12.53 5.80 -11.71
CA ASN A 66 -12.24 7.02 -12.43
C ASN A 66 -13.09 8.18 -11.93
N ASP A 67 -14.26 7.89 -11.38
CA ASP A 67 -15.23 8.90 -10.98
C ASP A 67 -15.65 8.72 -9.51
N PHE A 68 -14.68 8.42 -8.66
CA PHE A 68 -14.95 8.34 -7.23
C PHE A 68 -15.48 9.68 -6.71
N THR A 69 -16.51 9.59 -5.88
CA THR A 69 -16.89 10.71 -5.03
C THR A 69 -17.47 10.11 -3.76
N LEU A 70 -17.49 10.90 -2.69
CA LEU A 70 -18.06 10.42 -1.43
C LEU A 70 -19.52 10.11 -1.57
N ASP A 71 -20.21 10.70 -2.56
CA ASP A 71 -21.61 10.34 -2.77
C ASP A 71 -21.74 8.91 -3.29
N VAL A 72 -20.74 8.43 -4.04
CA VAL A 72 -20.71 7.03 -4.47
C VAL A 72 -20.60 6.11 -3.27
N MET A 73 -19.78 6.48 -2.29
N MET A 73 -19.75 6.47 -2.30
CA MET A 73 -19.65 5.65 -1.10
CA MET A 73 -19.64 5.67 -1.09
C MET A 73 -20.88 5.72 -0.20
C MET A 73 -20.94 5.69 -0.30
N LYS A 74 -21.58 6.85 -0.21
CA LYS A 74 -22.85 6.92 0.49
C LYS A 74 -23.88 5.98 -0.13
N GLU A 75 -23.91 5.91 -1.45
N GLU A 75 -23.90 5.90 -1.45
CA GLU A 75 -24.81 4.97 -2.10
CA GLU A 75 -24.81 4.98 -2.11
C GLU A 75 -24.39 3.52 -1.84
C GLU A 75 -24.39 3.52 -1.89
N LEU A 76 -23.09 3.26 -1.89
CA LEU A 76 -22.62 1.91 -1.60
C LEU A 76 -23.04 1.46 -0.19
N ILE A 77 -22.96 2.37 0.79
CA ILE A 77 -23.35 2.04 2.16
C ILE A 77 -24.81 1.64 2.21
N THR A 78 -25.65 2.39 1.50
N THR A 78 -25.68 2.37 1.50
CA THR A 78 -27.08 2.08 1.47
CA THR A 78 -27.11 2.03 1.56
C THR A 78 -27.33 0.69 0.94
C THR A 78 -27.39 0.68 0.90
N LEU A 79 -26.60 0.29 -0.10
CA LEU A 79 -26.71 -1.06 -0.64
C LEU A 79 -26.17 -2.09 0.35
N ALA A 80 -25.05 -1.79 1.00
CA ALA A 80 -24.48 -2.70 1.98
C ALA A 80 -25.46 -2.93 3.13
N LYS A 81 -26.14 -1.88 3.56
CA LYS A 81 -27.15 -2.01 4.65
C LYS A 81 -28.36 -2.81 4.17
N CSS A 82 -28.77 -2.59 2.93
CA CSS A 82 -29.96 -3.21 2.42
CB CSS A 82 -30.37 -2.59 1.08
SG CSS A 82 -31.59 -3.51 0.17
SD CSS A 82 -33.49 -3.04 0.99
C CSS A 82 -29.77 -4.72 2.24
O CSS A 82 -30.58 -5.56 2.65
H CSS A 82 -28.32 -2.00 2.27
HA CSS A 82 -30.79 -3.13 3.20
HB2 CSS A 82 -29.44 -2.50 0.45
HB3 CSS A 82 -30.75 -1.56 1.27
HD CSS A 82 -34.24 -3.90 0.29
N HIS A 83 -28.69 -5.06 1.57
CA HIS A 83 -28.39 -6.44 1.24
C HIS A 83 -27.63 -7.15 2.34
N GLU A 84 -27.13 -6.38 3.29
N GLU A 84 -27.18 -6.40 3.33
CA GLU A 84 -26.37 -6.89 4.44
CA GLU A 84 -26.38 -6.92 4.44
C GLU A 84 -25.03 -7.50 4.02
C GLU A 84 -25.03 -7.52 3.97
N PHE A 85 -24.06 -6.66 3.70
CA PHE A 85 -22.69 -7.07 3.49
C PHE A 85 -21.80 -5.98 4.03
N LEU A 86 -20.55 -6.34 4.35
CA LEU A 86 -19.60 -5.36 4.80
C LEU A 86 -18.82 -4.79 3.62
N ILE A 87 -18.27 -3.61 3.81
CA ILE A 87 -17.43 -2.96 2.78
C ILE A 87 -16.00 -3.00 3.28
N PHE A 88 -15.12 -3.62 2.48
CA PHE A 88 -13.70 -3.80 2.77
C PHE A 88 -12.90 -3.07 1.69
N GLU A 89 -12.24 -1.98 2.06
CA GLU A 89 -11.37 -1.23 1.15
C GLU A 89 -9.99 -1.83 1.27
N ASP A 90 -9.50 -2.36 0.15
CA ASP A 90 -8.23 -3.09 0.05
C ASP A 90 -7.10 -2.08 -0.13
N ARG A 91 -6.93 -1.26 0.90
CA ARG A 91 -6.03 -0.13 0.78
C ARG A 91 -4.57 -0.49 0.96
N LYS A 92 -4.27 -1.55 1.67
CA LYS A 92 -2.90 -2.03 1.87
C LYS A 92 -2.03 -0.97 2.52
N PHE A 93 -2.55 -0.34 3.59
CA PHE A 93 -1.73 0.59 4.34
C PHE A 93 -0.39 -0.05 4.67
N ALA A 94 0.70 0.71 4.52
CA ALA A 94 2.00 0.05 4.53
C ALA A 94 3.15 1.03 4.77
N ASP A 95 2.98 1.87 5.79
CA ASP A 95 4.01 2.85 6.12
C ASP A 95 3.89 3.12 7.61
N ILE A 96 4.72 4.07 8.05
CA ILE A 96 4.77 4.44 9.45
C ILE A 96 3.40 4.93 9.91
N GLY A 97 3.14 4.77 11.21
CA GLY A 97 1.83 5.10 11.76
C GLY A 97 1.40 6.52 11.48
N ASN A 98 2.32 7.49 11.58
CA ASN A 98 1.89 8.87 11.39
C ASN A 98 1.33 9.12 10.01
N THR A 99 1.89 8.45 9.00
CA THR A 99 1.41 8.61 7.63
C THR A 99 0.08 7.86 7.40
N VAL A 100 0.01 6.59 7.82
CA VAL A 100 -1.18 5.79 7.52
C VAL A 100 -2.40 6.36 8.22
N LYS A 101 -2.21 6.96 9.40
CA LYS A 101 -3.31 7.59 10.11
C LYS A 101 -3.98 8.63 9.22
N LYS A 102 -3.18 9.52 8.61
CA LYS A 102 -3.73 10.52 7.70
C LYS A 102 -4.34 9.88 6.47
N GLN A 103 -3.70 8.84 5.91
CA GLN A 103 -4.24 8.19 4.72
C GLN A 103 -5.59 7.50 4.98
N TYR A 104 -5.86 7.11 6.22
CA TYR A 104 -7.07 6.35 6.55
C TYR A 104 -8.22 7.31 6.80
N GLU A 105 -7.94 8.43 7.49
CA GLU A 105 -8.99 9.41 7.78
C GLU A 105 -9.20 10.40 6.63
N GLY A 106 -8.14 10.80 5.92
CA GLY A 106 -8.25 12.10 5.28
C GLY A 106 -8.23 12.02 3.76
N GLY A 107 -7.60 13.00 3.09
CA GLY A 107 -7.55 12.96 1.66
C GLY A 107 -8.96 12.95 1.09
N ILE A 108 -8.99 12.72 -0.23
N ILE A 108 -9.00 12.72 -0.23
CA ILE A 108 -10.25 12.72 -0.97
CA ILE A 108 -10.29 12.73 -0.92
C ILE A 108 -11.09 11.49 -0.61
C ILE A 108 -11.10 11.50 -0.60
N PHE A 109 -10.45 10.37 -0.27
CA PHE A 109 -11.20 9.12 -0.09
C PHE A 109 -11.97 9.02 1.23
N LYS A 110 -11.46 9.66 2.28
CA LYS A 110 -12.02 9.56 3.60
C LYS A 110 -12.36 8.12 3.94
N ILE A 111 -11.38 7.21 3.79
CA ILE A 111 -11.70 5.78 3.83
C ILE A 111 -12.41 5.40 5.14
N ALA A 112 -11.92 5.91 6.28
CA ALA A 112 -12.49 5.50 7.57
C ALA A 112 -13.96 5.86 7.69
N SER A 113 -14.43 6.83 6.92
N SER A 113 -14.43 6.83 6.92
CA SER A 113 -15.82 7.25 7.00
CA SER A 113 -15.83 7.22 7.02
C SER A 113 -16.79 6.35 6.20
C SER A 113 -16.78 6.17 6.47
N TRP A 114 -16.31 5.24 5.65
CA TRP A 114 -17.23 4.33 4.96
C TRP A 114 -16.78 2.86 4.89
N ALA A 115 -15.51 2.56 5.13
CA ALA A 115 -15.04 1.18 5.03
C ALA A 115 -15.17 0.51 6.39
N ASP A 116 -16.01 -0.53 6.45
CA ASP A 116 -16.07 -1.33 7.66
C ASP A 116 -14.71 -1.92 7.98
N LEU A 117 -14.02 -2.41 6.94
CA LEU A 117 -12.74 -3.08 7.09
C LEU A 117 -11.74 -2.43 6.15
N VAL A 118 -10.50 -2.39 6.58
CA VAL A 118 -9.37 -2.11 5.71
C VAL A 118 -8.32 -3.15 6.01
N ASN A 119 -7.24 -3.14 5.23
CA ASN A 119 -6.14 -4.02 5.53
C ASN A 119 -4.82 -3.27 5.54
N ALA A 120 -3.81 -3.92 6.07
CA ALA A 120 -2.49 -3.35 6.12
C ALA A 120 -1.46 -4.44 5.92
N HIS A 121 -0.35 -4.04 5.33
CA HIS A 121 0.85 -4.88 5.33
C HIS A 121 1.57 -4.69 6.66
N VAL A 122 2.24 -5.73 7.12
CA VAL A 122 2.92 -5.71 8.39
C VAL A 122 4.40 -5.35 8.32
N VAL A 123 4.91 -5.13 7.13
CA VAL A 123 6.32 -4.88 6.95
C VAL A 123 6.86 -3.67 7.75
N PRO A 124 6.05 -2.65 7.97
CA PRO A 124 6.58 -1.50 8.74
C PRO A 124 6.75 -1.77 10.20
N GLY A 125 6.24 -2.90 10.71
CA GLY A 125 6.17 -3.03 12.15
C GLY A 125 4.87 -2.48 12.69
N SER A 126 4.65 -2.72 14.00
CA SER A 126 3.33 -2.53 14.55
C SER A 126 2.87 -1.09 14.56
N GLY A 127 3.76 -0.12 14.26
CA GLY A 127 3.30 1.24 14.14
C GLY A 127 2.24 1.43 13.08
N VAL A 128 2.25 0.60 12.02
CA VAL A 128 1.21 0.75 11.02
C VAL A 128 -0.16 0.52 11.66
N VAL A 129 -0.23 -0.45 12.58
CA VAL A 129 -1.52 -0.69 13.24
C VAL A 129 -1.85 0.41 14.22
N LYS A 130 -0.88 0.83 15.02
N LYS A 130 -0.87 0.84 15.01
CA LYS A 130 -1.13 1.85 16.02
CA LYS A 130 -1.12 1.86 16.02
C LYS A 130 -1.64 3.14 15.39
C LYS A 130 -1.61 3.16 15.41
N GLY A 131 -1.10 3.53 14.24
CA GLY A 131 -1.59 4.71 13.57
C GLY A 131 -3.02 4.55 13.08
N LEU A 132 -3.31 3.43 12.43
CA LEU A 132 -4.66 3.21 11.92
C LEU A 132 -5.67 3.19 13.05
N GLN A 133 -5.29 2.56 14.17
CA GLN A 133 -6.18 2.44 15.33
C GLN A 133 -6.68 3.81 15.81
N GLU A 134 -5.84 4.84 15.77
N GLU A 134 -5.83 4.83 15.77
CA GLU A 134 -6.28 6.14 16.27
CA GLU A 134 -6.24 6.16 16.23
C GLU A 134 -7.45 6.69 15.48
C GLU A 134 -7.50 6.61 15.51
N VAL A 135 -7.62 6.28 14.23
CA VAL A 135 -8.77 6.66 13.42
C VAL A 135 -9.88 5.62 13.48
N GLY A 136 -9.51 4.33 13.41
CA GLY A 136 -10.51 3.29 13.26
C GLY A 136 -11.29 2.98 14.52
N LEU A 137 -10.63 3.09 15.69
CA LEU A 137 -11.33 2.77 16.94
C LEU A 137 -12.45 3.78 17.17
N PRO A 138 -12.22 5.08 17.11
CA PRO A 138 -13.36 6.00 17.28
C PRO A 138 -14.48 5.75 16.32
N LEU A 139 -14.16 5.33 15.08
CA LEU A 139 -15.16 5.04 14.05
C LEU A 139 -15.66 3.59 14.08
N HIS A 140 -15.24 2.77 15.07
CA HIS A 140 -15.82 1.45 15.26
C HIS A 140 -15.49 0.47 14.11
N ARG A 141 -14.28 0.57 13.58
CA ARG A 141 -13.88 -0.16 12.39
C ARG A 141 -13.01 -1.33 12.79
N GLY A 142 -12.74 -2.19 11.80
CA GLY A 142 -11.75 -3.25 11.92
C GLY A 142 -10.73 -3.22 10.79
N CYS A 143 -9.69 -4.03 10.97
CA CYS A 143 -8.56 -4.07 10.06
C CYS A 143 -8.09 -5.50 9.94
N LEU A 144 -7.64 -5.85 8.75
CA LEU A 144 -7.07 -7.15 8.43
C LEU A 144 -5.59 -6.99 8.15
N LEU A 145 -4.78 -7.92 8.65
CA LEU A 145 -3.35 -7.87 8.38
C LEU A 145 -2.99 -8.89 7.31
N ILE A 146 -2.11 -8.49 6.40
CA ILE A 146 -1.75 -9.32 5.26
C ILE A 146 -0.64 -10.24 5.72
N ALA A 147 -0.99 -11.47 6.02
CA ALA A 147 -0.07 -12.45 6.55
C ALA A 147 0.53 -13.29 5.44
N GLU A 148 -0.23 -13.51 4.36
CA GLU A 148 0.27 -14.23 3.20
C GLU A 148 -0.32 -13.55 1.98
N MET A 149 0.37 -13.70 0.85
CA MET A 149 -0.15 -13.19 -0.42
C MET A 149 -0.24 -14.34 -1.42
N SER A 150 -1.06 -14.11 -2.42
CA SER A 150 -1.39 -15.11 -3.41
C SER A 150 -0.44 -15.15 -4.61
N SER A 151 0.51 -14.20 -4.70
CA SER A 151 1.25 -13.96 -5.92
C SER A 151 2.57 -14.73 -5.92
N THR A 152 3.07 -14.97 -7.11
N THR A 152 3.05 -15.04 -7.12
CA THR A 152 4.32 -15.69 -7.27
CA THR A 152 4.31 -15.75 -7.24
C THR A 152 5.47 -14.85 -6.73
C THR A 152 5.44 -14.88 -6.71
N GLY A 153 6.32 -15.47 -5.92
CA GLY A 153 7.43 -14.78 -5.31
C GLY A 153 7.06 -14.04 -4.04
N SER A 154 5.84 -14.21 -3.53
CA SER A 154 5.49 -13.53 -2.28
C SER A 154 6.55 -13.78 -1.21
N LEU A 155 6.91 -12.73 -0.52
CA LEU A 155 7.82 -12.81 0.61
C LEU A 155 7.07 -12.91 1.94
N ALA A 156 5.75 -13.01 1.93
CA ALA A 156 4.95 -13.07 3.16
C ALA A 156 4.83 -14.54 3.58
N THR A 157 5.95 -15.06 4.05
CA THR A 157 6.05 -16.47 4.40
C THR A 157 6.88 -16.60 5.67
N GLY A 158 6.84 -17.77 6.29
CA GLY A 158 7.72 -18.06 7.40
C GLY A 158 7.58 -17.09 8.56
N ASP A 159 8.71 -16.49 8.96
CA ASP A 159 8.73 -15.55 10.08
C ASP A 159 7.88 -14.32 9.82
N TYR A 160 7.73 -13.95 8.56
CA TYR A 160 6.93 -12.78 8.23
C TYR A 160 5.46 -13.05 8.55
N THR A 161 4.96 -14.20 8.10
CA THR A 161 3.62 -14.59 8.47
C THR A 161 3.48 -14.69 9.98
N ARG A 162 4.44 -15.30 10.68
CA ARG A 162 4.31 -15.38 12.14
C ARG A 162 4.27 -13.98 12.78
N ALA A 163 5.07 -13.05 12.27
CA ALA A 163 5.05 -11.69 12.79
C ALA A 163 3.69 -11.03 12.59
N ALA A 164 3.02 -11.33 11.48
CA ALA A 164 1.68 -10.80 11.26
C ALA A 164 0.67 -11.34 12.28
N VAL A 165 0.75 -12.63 12.54
CA VAL A 165 -0.17 -13.24 13.48
C VAL A 165 0.05 -12.64 14.85
N ARG A 166 1.29 -12.55 15.27
CA ARG A 166 1.59 -11.93 16.57
C ARG A 166 1.09 -10.49 16.62
N MET A 167 1.32 -9.73 15.56
N MET A 167 1.33 -9.72 15.56
CA MET A 167 0.88 -8.35 15.55
CA MET A 167 0.87 -8.34 15.55
C MET A 167 -0.64 -8.28 15.70
C MET A 167 -0.65 -8.27 15.70
N ALA A 168 -1.36 -9.17 15.00
CA ALA A 168 -2.81 -9.15 15.07
C ALA A 168 -3.30 -9.48 16.47
N GLU A 169 -2.75 -10.53 17.07
N GLU A 169 -2.79 -10.55 17.07
CA GLU A 169 -3.20 -10.99 18.36
CA GLU A 169 -3.31 -10.94 18.36
C GLU A 169 -2.88 -10.00 19.47
C GLU A 169 -2.96 -9.93 19.45
N GLU A 170 -1.92 -9.11 19.25
CA GLU A 170 -1.57 -8.06 20.20
C GLU A 170 -2.32 -6.73 19.97
N HIS A 171 -3.08 -6.62 18.89
CA HIS A 171 -3.94 -5.47 18.63
C HIS A 171 -5.37 -5.93 18.33
N SER A 172 -5.89 -6.85 19.15
CA SER A 172 -7.20 -7.47 18.88
C SER A 172 -8.37 -6.51 19.12
N GLU A 173 -8.09 -5.33 19.67
CA GLU A 173 -9.12 -4.30 19.78
C GLU A 173 -9.50 -3.76 18.42
N PHE A 174 -8.64 -3.88 17.41
CA PHE A 174 -8.84 -3.32 16.08
C PHE A 174 -8.63 -4.31 14.97
N VAL A 175 -7.66 -5.21 15.12
CA VAL A 175 -7.40 -6.23 14.10
C VAL A 175 -8.34 -7.41 14.30
N VAL A 176 -9.09 -7.73 13.27
CA VAL A 176 -10.12 -8.77 13.34
C VAL A 176 -9.77 -9.96 12.45
N GLY A 177 -8.62 -9.95 11.78
CA GLY A 177 -8.30 -11.10 10.97
C GLY A 177 -7.21 -10.81 9.99
N PHE A 178 -7.16 -11.68 8.96
CA PHE A 178 -6.05 -11.66 8.06
C PHE A 178 -6.50 -11.79 6.62
N ILE A 179 -5.63 -11.26 5.74
CA ILE A 179 -5.57 -11.73 4.37
C ILE A 179 -4.51 -12.83 4.37
N SER A 180 -4.88 -14.02 3.95
CA SER A 180 -3.96 -15.15 3.98
C SER A 180 -4.44 -16.21 3.01
N GLY A 181 -3.59 -17.22 2.80
CA GLY A 181 -3.93 -18.28 1.87
C GLY A 181 -4.45 -19.51 2.58
N SER A 182 -4.36 -19.48 3.91
N SER A 182 -4.41 -19.47 3.91
CA SER A 182 -4.75 -20.60 4.76
CA SER A 182 -4.81 -20.57 4.76
C SER A 182 -4.95 -20.06 6.17
C SER A 182 -5.12 -20.02 6.15
N ARG A 183 -5.51 -20.91 7.03
CA ARG A 183 -5.57 -20.61 8.45
C ARG A 183 -4.15 -20.33 8.98
N VAL A 184 -3.95 -19.17 9.53
CA VAL A 184 -2.66 -18.83 10.11
C VAL A 184 -2.73 -18.60 11.62
N SER A 185 -3.90 -18.28 12.16
CA SER A 185 -4.12 -18.21 13.60
C SER A 185 -5.02 -19.34 14.08
N MET A 186 -4.71 -19.90 15.22
CA MET A 186 -5.56 -20.87 15.87
C MET A 186 -6.67 -20.22 16.73
N LYS A 187 -6.76 -18.93 16.78
CA LYS A 187 -7.78 -18.28 17.60
C LYS A 187 -9.02 -18.08 16.76
N PRO A 188 -10.17 -18.63 17.17
CA PRO A 188 -11.34 -18.60 16.28
C PRO A 188 -11.98 -17.25 16.19
N GLU A 189 -11.55 -16.29 17.03
N GLU A 189 -11.57 -16.29 17.02
CA GLU A 189 -12.04 -14.92 16.93
CA GLU A 189 -12.09 -14.92 16.90
C GLU A 189 -11.52 -14.19 15.70
C GLU A 189 -11.52 -14.16 15.72
N PHE A 190 -10.48 -14.67 15.07
CA PHE A 190 -9.93 -14.04 13.89
C PHE A 190 -10.45 -14.64 12.59
N LEU A 191 -10.72 -13.77 11.61
N LEU A 191 -10.72 -13.76 11.62
CA LEU A 191 -11.22 -14.15 10.31
CA LEU A 191 -11.20 -14.14 10.31
C LEU A 191 -10.06 -14.30 9.34
C LEU A 191 -10.02 -14.34 9.38
N HIS A 192 -10.16 -15.30 8.47
CA HIS A 192 -9.20 -15.51 7.39
C HIS A 192 -9.88 -15.33 6.04
N LEU A 193 -9.39 -14.34 5.27
CA LEU A 193 -9.92 -14.05 3.97
C LEU A 193 -8.84 -14.38 2.96
N THR A 194 -9.20 -15.12 1.92
CA THR A 194 -8.22 -15.60 0.95
C THR A 194 -8.55 -15.15 -0.44
N PRO A 195 -7.69 -14.29 -1.05
CA PRO A 195 -7.78 -13.98 -2.48
C PRO A 195 -6.99 -14.98 -3.31
N GLY A 196 -6.97 -14.81 -4.62
CA GLY A 196 -6.37 -15.79 -5.50
C GLY A 196 -7.26 -17.03 -5.54
N VAL A 197 -8.54 -16.86 -5.82
CA VAL A 197 -9.47 -17.98 -5.87
C VAL A 197 -10.21 -18.01 -7.20
N GLN A 198 -10.21 -19.18 -7.83
N GLN A 198 -10.22 -19.18 -7.83
CA GLN A 198 -11.03 -19.45 -9.02
CA GLN A 198 -11.08 -19.43 -8.99
C GLN A 198 -11.40 -20.93 -9.02
C GLN A 198 -11.38 -20.92 -9.05
N LEU A 199 -12.46 -21.28 -9.75
CA LEU A 199 -12.86 -22.69 -9.80
C LEU A 199 -11.84 -23.54 -10.53
N GLU A 200 -11.24 -23.02 -11.61
CA GLU A 200 -10.31 -23.77 -12.43
C GLU A 200 -8.89 -23.42 -12.02
N ALA A 201 -7.97 -24.33 -12.27
CA ALA A 201 -6.56 -24.05 -12.03
C ALA A 201 -6.07 -22.97 -12.96
N GLY A 202 -5.09 -22.18 -12.49
CA GLY A 202 -4.41 -21.25 -13.37
C GLY A 202 -3.87 -20.07 -12.59
N GLY A 203 -3.66 -19.00 -13.36
CA GLY A 203 -3.24 -17.75 -12.81
C GLY A 203 -3.51 -16.68 -13.83
N ASP A 204 -2.86 -15.53 -13.65
CA ASP A 204 -2.84 -14.52 -14.71
C ASP A 204 -1.40 -14.37 -15.20
N ASN A 205 -1.17 -13.37 -16.04
CA ASN A 205 0.16 -13.18 -16.61
C ASN A 205 1.04 -12.21 -15.82
N LEU A 206 0.58 -11.75 -14.67
CA LEU A 206 1.30 -10.84 -13.79
C LEU A 206 1.38 -11.40 -12.37
N GLY A 207 1.57 -12.71 -12.24
CA GLY A 207 1.95 -13.30 -10.98
C GLY A 207 0.81 -13.75 -10.07
N GLN A 208 -0.44 -13.52 -10.45
CA GLN A 208 -1.55 -14.06 -9.68
C GLN A 208 -1.61 -15.59 -9.86
N GLN A 209 -1.86 -16.26 -8.75
CA GLN A 209 -2.01 -17.71 -8.71
C GLN A 209 -3.37 -18.04 -8.12
N TYR A 210 -4.08 -19.00 -8.71
CA TYR A 210 -5.41 -19.35 -8.25
C TYR A 210 -5.43 -20.72 -7.56
N ASN A 211 -6.26 -20.82 -6.53
CA ASN A 211 -6.66 -22.10 -5.96
C ASN A 211 -8.17 -22.11 -5.85
N SER A 212 -8.73 -23.34 -5.69
CA SER A 212 -10.18 -23.44 -5.71
C SER A 212 -10.78 -23.13 -4.34
N PRO A 213 -12.09 -22.83 -4.30
CA PRO A 213 -12.77 -22.67 -2.99
C PRO A 213 -12.62 -23.89 -2.09
N GLN A 214 -12.76 -25.09 -2.64
N GLN A 214 -12.74 -25.09 -2.64
CA GLN A 214 -12.62 -26.30 -1.84
CA GLN A 214 -12.63 -26.27 -1.80
C GLN A 214 -11.24 -26.38 -1.20
C GLN A 214 -11.24 -26.40 -1.20
N GLU A 215 -10.20 -26.10 -1.97
CA GLU A 215 -8.86 -26.15 -1.44
C GLU A 215 -8.68 -25.12 -0.31
N VAL A 216 -9.14 -23.90 -0.54
CA VAL A 216 -8.79 -22.81 0.35
C VAL A 216 -9.62 -22.90 1.63
N ILE A 217 -10.92 -23.16 1.48
CA ILE A 217 -11.79 -23.20 2.65
C ILE A 217 -11.70 -24.55 3.33
N GLY A 218 -11.78 -25.63 2.53
CA GLY A 218 -11.84 -26.99 3.02
C GLY A 218 -10.55 -27.52 3.55
N LYS A 219 -9.52 -27.55 2.70
N LYS A 219 -9.52 -27.56 2.71
CA LYS A 219 -8.25 -28.13 3.10
CA LYS A 219 -8.26 -28.14 3.12
C LYS A 219 -7.39 -27.12 3.87
C LYS A 219 -7.33 -27.15 3.81
N ARG A 220 -7.35 -25.86 3.43
CA ARG A 220 -6.44 -24.87 4.03
C ARG A 220 -7.02 -24.14 5.23
N GLY A 221 -8.32 -24.25 5.48
CA GLY A 221 -8.91 -23.77 6.72
C GLY A 221 -9.32 -22.31 6.72
N SER A 222 -9.32 -21.65 5.58
N SER A 222 -9.32 -21.65 5.58
CA SER A 222 -9.70 -20.24 5.57
CA SER A 222 -9.70 -20.24 5.57
C SER A 222 -11.20 -20.11 5.75
C SER A 222 -11.21 -20.10 5.73
N ASP A 223 -11.66 -18.87 5.98
CA ASP A 223 -13.07 -18.61 6.21
C ASP A 223 -13.83 -18.07 5.01
N ILE A 224 -13.21 -17.14 4.29
CA ILE A 224 -13.85 -16.38 3.24
C ILE A 224 -12.96 -16.41 2.01
N ILE A 225 -13.58 -16.54 0.82
CA ILE A 225 -12.89 -16.45 -0.45
C ILE A 225 -13.14 -15.07 -1.03
N ILE A 226 -12.09 -14.45 -1.55
CA ILE A 226 -12.18 -13.19 -2.27
C ILE A 226 -12.03 -13.53 -3.77
N VAL A 227 -13.04 -13.18 -4.57
CA VAL A 227 -13.07 -13.52 -5.98
C VAL A 227 -13.36 -12.27 -6.80
N GLY A 228 -12.43 -11.92 -7.71
CA GLY A 228 -12.67 -10.83 -8.63
C GLY A 228 -13.06 -11.29 -10.02
N ARG A 229 -12.06 -11.46 -10.88
CA ARG A 229 -12.32 -11.80 -12.27
C ARG A 229 -13.13 -13.09 -12.45
N GLY A 230 -12.93 -14.06 -11.60
CA GLY A 230 -13.74 -15.26 -11.68
C GLY A 230 -15.23 -15.00 -11.77
N ILE A 231 -15.70 -13.92 -11.17
CA ILE A 231 -17.07 -13.48 -11.31
C ILE A 231 -17.22 -12.40 -12.37
N ILE A 232 -16.38 -11.37 -12.32
CA ILE A 232 -16.64 -10.16 -13.08
C ILE A 232 -16.53 -10.43 -14.56
N SER A 233 -15.59 -11.26 -14.95
N SER A 233 -15.59 -11.29 -14.96
CA SER A 233 -15.44 -11.61 -16.37
CA SER A 233 -15.42 -11.62 -16.36
C SER A 233 -16.46 -12.62 -16.86
C SER A 233 -16.46 -12.62 -16.87
N ALA A 234 -17.25 -13.21 -15.98
CA ALA A 234 -18.25 -14.19 -16.41
C ALA A 234 -19.38 -13.51 -17.17
N ALA A 235 -19.94 -14.19 -18.17
CA ALA A 235 -21.08 -13.62 -18.87
C ALA A 235 -22.23 -13.36 -17.89
N ASP A 236 -22.54 -14.34 -17.06
CA ASP A 236 -23.62 -14.25 -16.07
C ASP A 236 -22.99 -14.08 -14.68
N ARG A 237 -22.91 -12.86 -14.21
CA ARG A 237 -22.17 -12.61 -12.98
C ARG A 237 -22.94 -13.14 -11.77
N LEU A 238 -24.26 -13.09 -11.82
CA LEU A 238 -25.04 -13.63 -10.72
C LEU A 238 -24.84 -15.13 -10.60
N GLU A 239 -24.92 -15.86 -11.71
CA GLU A 239 -24.70 -17.30 -11.63
C GLU A 239 -23.29 -17.60 -11.14
N ALA A 240 -22.29 -16.85 -11.64
CA ALA A 240 -20.91 -17.05 -11.18
C ALA A 240 -20.82 -16.83 -9.67
N ALA A 241 -21.34 -15.71 -9.18
CA ALA A 241 -21.30 -15.47 -7.74
C ALA A 241 -21.97 -16.60 -6.97
N GLU A 242 -23.14 -17.08 -7.46
CA GLU A 242 -23.80 -18.19 -6.78
C GLU A 242 -22.94 -19.46 -6.80
N MET A 243 -22.26 -19.73 -7.91
N MET A 243 -22.26 -19.73 -7.92
CA MET A 243 -21.38 -20.88 -7.95
CA MET A 243 -21.38 -20.90 -7.96
C MET A 243 -20.29 -20.77 -6.90
C MET A 243 -20.28 -20.77 -6.91
N TYR A 244 -19.63 -19.60 -6.83
CA TYR A 244 -18.59 -19.41 -5.83
C TYR A 244 -19.13 -19.44 -4.39
N ARG A 245 -20.30 -18.84 -4.16
CA ARG A 245 -20.93 -18.93 -2.84
C ARG A 245 -21.17 -20.38 -2.43
N LYS A 246 -21.79 -21.16 -3.31
CA LYS A 246 -22.13 -22.51 -2.94
C LYS A 246 -20.88 -23.34 -2.71
N ALA A 247 -19.85 -23.11 -3.54
CA ALA A 247 -18.60 -23.83 -3.36
C ALA A 247 -17.96 -23.54 -2.02
N ALA A 248 -17.80 -22.27 -1.70
CA ALA A 248 -17.16 -21.91 -0.44
C ALA A 248 -18.02 -22.31 0.75
N TRP A 249 -19.34 -22.20 0.63
CA TRP A 249 -20.21 -22.55 1.75
C TRP A 249 -20.15 -24.04 2.03
N GLU A 250 -20.23 -24.86 0.98
N GLU A 250 -20.24 -24.87 0.99
CA GLU A 250 -20.21 -26.31 1.20
CA GLU A 250 -20.23 -26.31 1.24
C GLU A 250 -18.88 -26.76 1.75
C GLU A 250 -18.88 -26.73 1.79
N ALA A 251 -17.78 -26.10 1.34
CA ALA A 251 -16.48 -26.49 1.85
C ALA A 251 -16.38 -26.15 3.33
N TYR A 252 -17.03 -25.06 3.73
CA TYR A 252 -17.06 -24.69 5.14
C TYR A 252 -17.88 -25.70 5.94
N LEU A 253 -19.07 -26.04 5.44
CA LEU A 253 -19.89 -27.05 6.11
C LEU A 253 -19.13 -28.37 6.28
N SER A 254 -18.40 -28.80 5.26
N SER A 254 -18.43 -28.80 5.23
CA SER A 254 -17.77 -30.11 5.34
CA SER A 254 -17.73 -30.07 5.30
C SER A 254 -16.63 -30.11 6.35
C SER A 254 -16.73 -30.06 6.43
N ARG A 255 -16.00 -28.96 6.56
CA ARG A 255 -14.99 -28.85 7.60
C ARG A 255 -15.60 -28.94 8.99
N LEU A 256 -16.86 -28.56 9.16
CA LEU A 256 -17.47 -28.55 10.48
C LEU A 256 -17.84 -29.95 10.97
N GLY A 257 -18.45 -30.77 10.11
CA GLY A 257 -18.90 -32.09 10.49
C GLY A 257 -20.41 -32.26 10.46
N MET B 1 35.92 3.11 -5.71
CA MET B 1 35.78 4.19 -6.67
C MET B 1 34.43 4.90 -6.49
N GLU B 2 34.36 5.77 -5.48
CA GLU B 2 33.14 6.54 -5.22
C GLU B 2 33.07 7.69 -6.22
N LEU B 3 32.00 7.77 -6.97
CA LEU B 3 31.82 8.72 -8.04
C LEU B 3 30.88 9.83 -7.62
N SER B 4 31.10 11.02 -8.16
CA SER B 4 30.16 12.11 -7.93
C SER B 4 28.80 11.81 -8.56
N PHE B 5 27.77 12.60 -8.17
CA PHE B 5 26.47 12.45 -8.80
C PHE B 5 26.57 12.71 -10.29
N GLY B 6 27.35 13.72 -10.69
CA GLY B 6 27.45 14.05 -12.10
C GLY B 6 28.03 12.92 -12.94
N ALA B 7 29.09 12.28 -12.43
CA ALA B 7 29.67 11.14 -13.14
C ALA B 7 28.72 9.95 -13.16
N ARG B 8 28.02 9.67 -12.06
CA ARG B 8 27.06 8.59 -12.05
C ARG B 8 25.97 8.84 -13.08
N ALA B 9 25.63 10.11 -13.33
CA ALA B 9 24.64 10.41 -14.35
C ALA B 9 25.07 9.94 -15.74
N GLU B 10 26.37 9.67 -15.95
CA GLU B 10 26.92 9.29 -17.23
C GLU B 10 27.21 7.79 -17.29
N LEU B 11 26.90 7.06 -16.25
CA LEU B 11 27.21 5.63 -16.23
C LEU B 11 26.50 4.92 -17.39
N PRO B 12 27.12 3.92 -17.97
CA PRO B 12 26.51 3.25 -19.14
C PRO B 12 25.11 2.72 -18.90
N ARG B 13 24.84 2.11 -17.75
CA ARG B 13 23.54 1.45 -17.54
C ARG B 13 22.52 2.36 -16.81
N ILE B 14 22.78 3.67 -16.78
CA ILE B 14 21.94 4.58 -15.98
C ILE B 14 20.58 4.74 -16.65
N HIS B 15 19.55 4.73 -15.87
CA HIS B 15 18.21 4.98 -16.39
C HIS B 15 18.05 6.48 -16.66
N PRO B 16 17.37 6.86 -17.74
CA PRO B 16 17.25 8.29 -18.04
C PRO B 16 16.72 9.14 -16.90
N VAL B 17 15.72 8.64 -16.16
CA VAL B 17 15.16 9.40 -15.06
C VAL B 17 16.22 9.62 -13.96
N ALA B 18 17.00 8.60 -13.67
CA ALA B 18 18.06 8.74 -12.68
C ALA B 18 19.15 9.70 -13.18
N SER B 19 19.48 9.62 -14.46
CA SER B 19 20.47 10.54 -15.00
C SER B 19 19.99 11.98 -14.85
N LYS B 20 18.71 12.22 -15.15
CA LYS B 20 18.20 13.58 -15.04
C LYS B 20 18.26 14.05 -13.59
N LEU B 21 17.94 13.15 -12.67
CA LEU B 21 17.99 13.48 -11.24
C LEU B 21 19.41 13.79 -10.81
N LEU B 22 20.33 12.92 -11.17
CA LEU B 22 21.71 13.07 -10.72
C LEU B 22 22.32 14.34 -11.29
N ARG B 23 21.99 14.69 -12.54
N ARG B 23 21.98 14.70 -12.53
CA ARG B 23 22.50 15.92 -13.12
CA ARG B 23 22.51 15.92 -13.12
C ARG B 23 22.03 17.15 -12.35
C ARG B 23 22.02 17.15 -12.36
N LEU B 24 20.75 17.19 -11.97
CA LEU B 24 20.23 18.37 -11.27
C LEU B 24 20.71 18.39 -9.83
N MET B 25 20.92 17.23 -9.21
CA MET B 25 21.54 17.22 -7.89
C MET B 25 22.89 17.88 -7.94
N GLN B 26 23.73 17.49 -8.91
CA GLN B 26 25.05 18.10 -9.06
C GLN B 26 24.96 19.59 -9.37
N LYS B 27 24.11 19.96 -10.30
CA LYS B 27 24.00 21.36 -10.69
C LYS B 27 23.57 22.24 -9.55
N LYS B 28 22.57 21.81 -8.78
CA LYS B 28 21.98 22.62 -7.73
C LYS B 28 22.61 22.40 -6.37
N GLU B 29 23.52 21.44 -6.25
CA GLU B 29 24.14 21.10 -4.98
C GLU B 29 23.10 20.72 -3.93
N THR B 30 22.19 19.84 -4.30
CA THR B 30 21.22 19.36 -3.32
C THR B 30 20.95 17.90 -3.54
N ASN B 31 20.98 17.14 -2.45
CA ASN B 31 20.53 15.77 -2.39
C ASN B 31 19.42 15.64 -1.33
N LEU B 32 18.57 16.66 -1.27
CA LEU B 32 17.45 16.71 -0.33
C LEU B 32 16.13 16.51 -1.06
N CYS B 33 15.34 15.55 -0.59
CA CYS B 33 13.97 15.35 -1.06
C CYS B 33 13.01 15.82 0.04
N LEU B 34 12.21 16.82 -0.27
CA LEU B 34 11.19 17.30 0.66
C LEU B 34 10.01 16.33 0.64
N SER B 35 9.58 15.88 1.84
CA SER B 35 8.41 15.04 1.96
C SER B 35 7.29 16.01 2.34
N ALA B 36 6.46 16.34 1.34
CA ALA B 36 5.46 17.40 1.48
C ALA B 36 4.13 16.81 1.95
N ASP B 37 4.16 16.33 3.19
CA ASP B 37 3.01 15.65 3.80
C ASP B 37 2.05 16.69 4.37
N VAL B 38 1.28 17.28 3.46
CA VAL B 38 0.38 18.37 3.76
C VAL B 38 -0.99 18.03 3.18
N SER B 39 -2.00 18.67 3.75
CA SER B 39 -3.37 18.35 3.41
C SER B 39 -4.02 19.37 2.48
N LEU B 40 -3.35 20.50 2.19
CA LEU B 40 -3.88 21.56 1.35
C LEU B 40 -3.02 21.77 0.13
N ALA B 41 -3.65 21.76 -1.05
CA ALA B 41 -2.91 22.03 -2.27
C ALA B 41 -2.16 23.36 -2.21
N ARG B 42 -2.77 24.38 -1.61
CA ARG B 42 -2.13 25.68 -1.51
C ARG B 42 -0.79 25.57 -0.79
N GLU B 43 -0.77 24.82 0.32
N GLU B 43 -0.75 24.82 0.31
CA GLU B 43 0.47 24.66 1.06
CA GLU B 43 0.51 24.70 1.06
C GLU B 43 1.47 23.86 0.24
C GLU B 43 1.49 23.77 0.35
N LEU B 44 1.01 22.77 -0.38
CA LEU B 44 1.91 21.98 -1.22
C LEU B 44 2.60 22.84 -2.27
N LEU B 45 1.84 23.66 -2.98
CA LEU B 45 2.39 24.45 -4.07
C LEU B 45 3.26 25.57 -3.54
N GLN B 46 2.85 26.23 -2.45
CA GLN B 46 3.68 27.26 -1.88
C GLN B 46 4.99 26.67 -1.38
N LEU B 47 4.97 25.45 -0.84
CA LEU B 47 6.21 24.81 -0.42
C LEU B 47 7.07 24.44 -1.63
N ALA B 48 6.45 23.87 -2.66
CA ALA B 48 7.21 23.51 -3.84
C ALA B 48 7.88 24.71 -4.46
N ASP B 49 7.19 25.83 -4.51
CA ASP B 49 7.76 27.01 -5.13
C ASP B 49 8.90 27.57 -4.28
N ALA B 50 8.66 27.74 -2.96
CA ALA B 50 9.66 28.39 -2.12
C ALA B 50 10.87 27.48 -1.93
N LEU B 51 10.67 26.20 -1.83
CA LEU B 51 11.77 25.29 -1.55
C LEU B 51 12.29 24.58 -2.81
N GLY B 52 11.64 24.74 -3.95
CA GLY B 52 12.14 24.17 -5.20
C GLY B 52 13.64 24.29 -5.44
N PRO B 53 14.17 25.51 -5.29
CA PRO B 53 15.62 25.70 -5.53
C PRO B 53 16.52 24.91 -4.59
N SER B 54 16.00 24.45 -3.45
CA SER B 54 16.81 23.78 -2.44
C SER B 54 16.75 22.26 -2.54
N ILE B 55 15.87 21.71 -3.38
CA ILE B 55 15.58 20.27 -3.34
C ILE B 55 15.89 19.66 -4.69
N CYS B 56 16.21 18.37 -4.70
CA CYS B 56 16.32 17.63 -5.95
C CYS B 56 15.02 16.86 -6.26
N MET B 57 14.09 16.77 -5.31
CA MET B 57 12.92 15.93 -5.40
C MET B 57 11.90 16.44 -4.38
N LEU B 58 10.62 16.37 -4.80
CA LEU B 58 9.49 16.59 -3.92
C LEU B 58 8.67 15.31 -3.85
N LYS B 59 8.55 14.75 -2.65
CA LYS B 59 7.79 13.53 -2.45
C LYS B 59 6.39 13.86 -1.99
N THR B 60 5.40 13.31 -2.73
CA THR B 60 3.98 13.57 -2.50
C THR B 60 3.30 12.35 -1.92
N HIS B 61 2.24 12.59 -1.18
CA HIS B 61 1.25 11.60 -0.75
C HIS B 61 -0.05 12.24 -1.19
N VAL B 62 -0.41 12.08 -2.46
N VAL B 62 -0.38 12.03 -2.47
CA VAL B 62 -1.58 12.78 -2.96
CA VAL B 62 -1.56 12.63 -3.09
C VAL B 62 -2.86 12.31 -2.27
C VAL B 62 -2.82 12.28 -2.31
N ASP B 63 -2.84 11.12 -1.67
CA ASP B 63 -4.03 10.62 -1.00
C ASP B 63 -4.32 11.31 0.30
N ILE B 64 -3.48 12.23 0.77
N ILE B 64 -3.46 12.22 0.74
CA ILE B 64 -3.81 13.04 1.93
CA ILE B 64 -3.66 13.04 1.92
C ILE B 64 -4.10 14.47 1.59
C ILE B 64 -4.16 14.43 1.57
N LEU B 65 -4.06 14.84 0.30
CA LEU B 65 -4.51 16.16 -0.11
C LEU B 65 -6.03 16.22 -0.10
N ASN B 66 -6.57 17.15 0.66
CA ASN B 66 -8.01 17.22 0.76
C ASN B 66 -8.63 17.77 -0.52
N ASP B 67 -7.89 18.61 -1.24
CA ASP B 67 -8.40 19.28 -2.43
C ASP B 67 -7.56 18.89 -3.65
N PHE B 68 -7.17 17.63 -3.73
CA PHE B 68 -6.48 17.13 -4.92
C PHE B 68 -7.34 17.34 -6.14
N THR B 69 -6.72 17.84 -7.22
CA THR B 69 -7.24 17.71 -8.58
C THR B 69 -6.04 17.57 -9.51
N LEU B 70 -6.29 17.17 -10.75
CA LEU B 70 -5.21 17.04 -11.73
C LEU B 70 -4.62 18.39 -12.07
N ASP B 71 -5.43 19.47 -11.95
CA ASP B 71 -4.91 20.81 -12.16
C ASP B 71 -3.88 21.21 -11.09
N VAL B 72 -4.05 20.74 -9.87
CA VAL B 72 -3.00 20.95 -8.87
C VAL B 72 -1.70 20.30 -9.34
N MET B 73 -1.79 19.05 -9.83
N MET B 73 -1.79 19.08 -9.86
CA MET B 73 -0.59 18.37 -10.29
CA MET B 73 -0.58 18.37 -10.26
C MET B 73 0.05 19.11 -11.46
C MET B 73 0.05 19.05 -11.49
N LYS B 74 -0.77 19.64 -12.36
CA LYS B 74 -0.23 20.40 -13.48
C LYS B 74 0.58 21.60 -12.99
N GLU B 75 0.04 22.33 -12.01
N GLU B 75 0.04 22.33 -12.00
CA GLU B 75 0.79 23.43 -11.42
CA GLU B 75 0.79 23.43 -11.42
C GLU B 75 2.07 22.90 -10.78
C GLU B 75 2.06 22.93 -10.74
N LEU B 76 2.00 21.76 -10.10
CA LEU B 76 3.18 21.22 -9.46
C LEU B 76 4.23 20.86 -10.51
N ILE B 77 3.79 20.33 -11.66
CA ILE B 77 4.72 20.03 -12.75
C ILE B 77 5.41 21.29 -13.21
N THR B 78 4.65 22.35 -13.37
CA THR B 78 5.25 23.62 -13.76
C THR B 78 6.34 24.05 -12.80
N LEU B 79 6.12 23.87 -11.49
CA LEU B 79 7.15 24.27 -10.53
C LEU B 79 8.35 23.33 -10.57
N ALA B 80 8.10 22.03 -10.77
CA ALA B 80 9.18 21.06 -10.87
C ALA B 80 10.08 21.36 -12.06
N LYS B 81 9.48 21.80 -13.17
CA LYS B 81 10.19 22.16 -14.37
C LYS B 81 10.96 23.46 -14.16
N CSS B 82 10.31 24.42 -13.51
CA CSS B 82 10.90 25.74 -13.30
CB CSS B 82 9.93 26.70 -12.64
SG CSS B 82 10.60 28.25 -12.12
SD CSS B 82 10.87 29.30 -13.96
C CSS B 82 12.14 25.62 -12.43
O CSS B 82 13.24 26.11 -12.75
H CSS B 82 9.39 24.34 -13.11
HA CSS B 82 11.25 26.15 -14.30
HB2 CSS B 82 9.51 26.18 -11.74
HB3 CSS B 82 9.11 26.89 -13.36
HD CSS B 82 11.51 28.37 -14.66
N HIS B 83 11.97 24.96 -11.28
CA HIS B 83 13.02 24.90 -10.25
C HIS B 83 13.93 23.70 -10.40
N GLU B 84 13.55 22.78 -11.28
CA GLU B 84 14.29 21.56 -11.58
C GLU B 84 14.35 20.59 -10.40
N PHE B 85 13.26 19.87 -10.15
CA PHE B 85 13.23 18.75 -9.23
C PHE B 85 12.26 17.73 -9.77
N LEU B 86 12.44 16.48 -9.35
CA LEU B 86 11.54 15.42 -9.76
C LEU B 86 10.39 15.34 -8.77
N ILE B 87 9.26 14.80 -9.23
CA ILE B 87 8.10 14.53 -8.41
C ILE B 87 8.07 13.02 -8.15
N PHE B 88 8.03 12.66 -6.87
CA PHE B 88 8.02 11.27 -6.40
C PHE B 88 6.76 11.05 -5.57
N GLU B 89 5.82 10.29 -6.11
CA GLU B 89 4.62 9.90 -5.36
C GLU B 89 4.91 8.63 -4.58
N ASP B 90 4.79 8.74 -3.25
CA ASP B 90 5.12 7.68 -2.30
C ASP B 90 3.92 6.75 -2.13
N ARG B 91 3.56 6.13 -3.24
CA ARG B 91 2.32 5.36 -3.34
C ARG B 91 2.41 3.98 -2.71
N LYS B 92 3.61 3.42 -2.60
CA LYS B 92 3.80 2.13 -1.96
C LYS B 92 2.90 1.06 -2.58
N PHE B 93 2.94 0.96 -3.89
CA PHE B 93 2.25 -0.12 -4.57
C PHE B 93 2.65 -1.46 -3.93
N ALA B 94 1.69 -2.37 -3.71
CA ALA B 94 2.02 -3.50 -2.83
C ALA B 94 1.03 -4.63 -3.03
N ASP B 95 0.71 -4.90 -4.28
CA ASP B 95 -0.22 -5.97 -4.58
C ASP B 95 0.19 -6.60 -5.91
N ILE B 96 -0.62 -7.57 -6.34
CA ILE B 96 -0.40 -8.27 -7.59
C ILE B 96 -0.33 -7.29 -8.75
N GLY B 97 0.38 -7.72 -9.80
CA GLY B 97 0.65 -6.82 -10.91
C GLY B 97 -0.60 -6.32 -11.58
N ASN B 98 -1.64 -7.17 -11.71
CA ASN B 98 -2.84 -6.73 -12.41
C ASN B 98 -3.50 -5.56 -11.70
N THR B 99 -3.43 -5.55 -10.37
CA THR B 99 -4.04 -4.48 -9.59
C THR B 99 -3.18 -3.21 -9.64
N VAL B 100 -1.89 -3.34 -9.38
CA VAL B 100 -1.05 -2.12 -9.30
C VAL B 100 -0.98 -1.39 -10.64
N LYS B 101 -1.02 -2.13 -11.76
CA LYS B 101 -1.03 -1.46 -13.06
C LYS B 101 -2.21 -0.50 -13.15
N LYS B 102 -3.38 -0.93 -12.69
CA LYS B 102 -4.56 -0.05 -12.68
C LYS B 102 -4.43 1.09 -11.68
N GLN B 103 -3.86 0.82 -10.51
CA GLN B 103 -3.66 1.88 -9.52
C GLN B 103 -2.64 2.92 -9.97
N TYR B 104 -1.70 2.53 -10.83
CA TYR B 104 -0.65 3.43 -11.33
C TYR B 104 -1.18 4.29 -12.45
N GLU B 105 -1.94 3.71 -13.35
CA GLU B 105 -2.40 4.45 -14.50
C GLU B 105 -3.69 5.20 -14.27
N GLY B 106 -4.66 4.60 -13.57
CA GLY B 106 -6.06 5.01 -13.71
C GLY B 106 -6.57 5.68 -12.46
N GLY B 107 -7.86 5.53 -12.19
CA GLY B 107 -8.43 6.10 -11.05
C GLY B 107 -8.40 7.62 -11.13
N ILE B 108 -8.75 8.24 -10.01
N ILE B 108 -8.74 8.25 -10.01
CA ILE B 108 -8.83 9.70 -9.98
CA ILE B 108 -8.82 9.71 -9.99
C ILE B 108 -7.45 10.35 -9.93
C ILE B 108 -7.42 10.33 -10.00
N PHE B 109 -6.42 9.63 -9.43
CA PHE B 109 -5.12 10.29 -9.26
C PHE B 109 -4.28 10.29 -10.52
N LYS B 110 -4.46 9.31 -11.39
CA LYS B 110 -3.67 9.14 -12.61
C LYS B 110 -2.21 9.42 -12.35
N ILE B 111 -1.66 8.65 -11.42
CA ILE B 111 -0.34 8.91 -10.88
C ILE B 111 0.70 8.89 -11.99
N ALA B 112 0.61 7.93 -12.92
CA ALA B 112 1.64 7.86 -13.95
C ALA B 112 1.71 9.11 -14.83
N SER B 113 0.63 9.88 -14.90
CA SER B 113 0.60 11.02 -15.78
C SER B 113 1.44 12.20 -15.27
N TRP B 114 1.75 12.24 -13.99
CA TRP B 114 2.47 13.37 -13.39
C TRP B 114 3.64 13.01 -12.50
N ALA B 115 3.75 11.75 -12.08
CA ALA B 115 4.81 11.33 -11.17
C ALA B 115 6.03 10.82 -11.96
N ASP B 116 7.19 11.48 -11.80
CA ASP B 116 8.43 10.98 -12.38
C ASP B 116 8.78 9.63 -11.75
N LEU B 117 8.59 9.51 -10.43
CA LEU B 117 9.02 8.35 -9.70
C LEU B 117 7.86 7.90 -8.84
N VAL B 118 7.74 6.58 -8.67
CA VAL B 118 6.86 5.98 -7.68
C VAL B 118 7.69 4.95 -6.94
N ASN B 119 7.14 4.37 -5.88
CA ASN B 119 7.78 3.26 -5.18
C ASN B 119 6.82 2.08 -5.00
N ALA B 120 7.41 0.95 -4.61
CA ALA B 120 6.65 -0.26 -4.42
C ALA B 120 7.33 -1.08 -3.33
N HIS B 121 6.50 -1.75 -2.51
CA HIS B 121 7.01 -2.78 -1.64
C HIS B 121 7.23 -4.06 -2.43
N VAL B 122 8.21 -4.85 -1.99
CA VAL B 122 8.57 -6.05 -2.69
C VAL B 122 7.94 -7.34 -2.17
N VAL B 123 7.10 -7.21 -1.18
CA VAL B 123 6.47 -8.36 -0.55
C VAL B 123 5.60 -9.19 -1.53
N PRO B 124 4.97 -8.58 -2.56
CA PRO B 124 4.19 -9.47 -3.42
C PRO B 124 4.99 -10.29 -4.41
N GLY B 125 6.28 -10.10 -4.47
CA GLY B 125 7.05 -10.73 -5.54
C GLY B 125 7.10 -9.84 -6.74
N SER B 126 7.89 -10.25 -7.76
CA SER B 126 8.25 -9.34 -8.84
C SER B 126 7.06 -8.92 -9.72
N GLY B 127 5.92 -9.62 -9.64
CA GLY B 127 4.77 -9.16 -10.40
C GLY B 127 4.36 -7.73 -10.07
N VAL B 128 4.63 -7.25 -8.84
CA VAL B 128 4.32 -5.84 -8.56
C VAL B 128 5.11 -4.94 -9.51
N VAL B 129 6.39 -5.26 -9.73
CA VAL B 129 7.20 -4.44 -10.64
C VAL B 129 6.78 -4.67 -12.10
N LYS B 130 6.48 -5.92 -12.45
CA LYS B 130 6.10 -6.20 -13.83
C LYS B 130 4.84 -5.45 -14.21
N GLY B 131 3.87 -5.38 -13.29
CA GLY B 131 2.65 -4.63 -13.57
C GLY B 131 2.89 -3.13 -13.72
N LEU B 132 3.66 -2.54 -12.80
CA LEU B 132 3.93 -1.10 -12.87
C LEU B 132 4.69 -0.77 -14.15
N GLN B 133 5.65 -1.62 -14.50
CA GLN B 133 6.55 -1.28 -15.60
C GLN B 133 5.83 -1.22 -16.94
N GLU B 134 4.75 -1.97 -17.09
CA GLU B 134 3.98 -1.92 -18.34
C GLU B 134 3.48 -0.49 -18.57
N VAL B 135 3.05 0.20 -17.50
CA VAL B 135 2.56 1.56 -17.64
C VAL B 135 3.74 2.54 -17.73
N GLY B 136 4.79 2.30 -16.94
CA GLY B 136 5.84 3.30 -16.83
C GLY B 136 6.81 3.35 -17.98
N LEU B 137 6.96 2.25 -18.71
CA LEU B 137 7.98 2.23 -19.74
C LEU B 137 7.70 3.18 -20.89
N PRO B 138 6.50 3.24 -21.46
CA PRO B 138 6.26 4.23 -22.52
C PRO B 138 6.36 5.66 -22.03
N LEU B 139 5.99 5.89 -20.77
CA LEU B 139 6.07 7.21 -20.15
C LEU B 139 7.45 7.55 -19.62
N HIS B 140 8.45 6.69 -19.81
CA HIS B 140 9.80 6.93 -19.34
C HIS B 140 9.82 7.28 -17.85
N ARG B 141 9.05 6.53 -17.06
CA ARG B 141 9.02 6.71 -15.62
C ARG B 141 10.02 5.77 -14.97
N GLY B 142 10.27 6.01 -13.69
CA GLY B 142 11.09 5.13 -12.89
C GLY B 142 10.41 4.77 -11.58
N CYS B 143 10.97 3.76 -10.93
CA CYS B 143 10.39 3.16 -9.74
C CYS B 143 11.49 2.94 -8.74
N LEU B 144 11.16 3.11 -7.45
CA LEU B 144 12.05 2.79 -6.34
C LEU B 144 11.44 1.64 -5.53
N LEU B 145 12.25 0.67 -5.13
CA LEU B 145 11.74 -0.45 -4.34
C LEU B 145 12.12 -0.27 -2.89
N ILE B 146 11.17 -0.56 -1.99
CA ILE B 146 11.37 -0.32 -0.57
C ILE B 146 12.14 -1.53 -0.04
N ALA B 147 13.43 -1.37 0.20
CA ALA B 147 14.32 -2.44 0.64
C ALA B 147 14.44 -2.50 2.14
N GLU B 148 14.34 -1.34 2.76
CA GLU B 148 14.42 -1.21 4.20
C GLU B 148 13.43 -0.13 4.58
N MET B 149 12.98 -0.15 5.84
CA MET B 149 12.08 0.89 6.35
C MET B 149 12.68 1.46 7.62
N SER B 150 12.25 2.67 7.93
CA SER B 150 12.81 3.41 9.07
C SER B 150 12.06 3.18 10.36
N SER B 151 10.98 2.45 10.33
CA SER B 151 10.11 2.33 11.47
C SER B 151 10.49 1.17 12.41
N THR B 152 10.10 1.32 13.67
CA THR B 152 10.41 0.31 14.67
C THR B 152 9.65 -0.98 14.35
N GLY B 153 10.37 -2.10 14.41
CA GLY B 153 9.76 -3.38 14.08
C GLY B 153 9.73 -3.71 12.60
N SER B 154 10.34 -2.89 11.76
CA SER B 154 10.32 -3.13 10.33
C SER B 154 10.74 -4.56 10.01
N LEU B 155 10.02 -5.23 9.10
CA LEU B 155 10.41 -6.57 8.70
C LEU B 155 11.27 -6.52 7.44
N ALA B 156 11.58 -5.33 6.94
CA ALA B 156 12.33 -5.19 5.68
C ALA B 156 13.83 -5.28 5.98
N THR B 157 14.23 -6.48 6.39
CA THR B 157 15.59 -6.74 6.82
C THR B 157 16.09 -8.05 6.21
N GLY B 158 17.39 -8.30 6.38
CA GLY B 158 17.94 -9.60 6.01
C GLY B 158 17.57 -10.01 4.60
N ASP B 159 16.97 -11.19 4.47
CA ASP B 159 16.68 -11.77 3.17
C ASP B 159 15.61 -10.96 2.44
N TYR B 160 14.78 -10.25 3.16
CA TYR B 160 13.78 -9.41 2.51
C TYR B 160 14.49 -8.30 1.74
N THR B 161 15.43 -7.61 2.38
CA THR B 161 16.22 -6.56 1.71
C THR B 161 17.00 -7.13 0.54
N ARG B 162 17.63 -8.29 0.73
CA ARG B 162 18.33 -8.89 -0.42
C ARG B 162 17.38 -9.17 -1.59
N ALA B 163 16.14 -9.57 -1.27
CA ALA B 163 15.16 -9.83 -2.32
C ALA B 163 14.80 -8.55 -3.05
N ALA B 164 14.75 -7.43 -2.34
CA ALA B 164 14.47 -6.17 -3.02
C ALA B 164 15.59 -5.82 -3.98
N VAL B 165 16.85 -6.00 -3.54
CA VAL B 165 18.00 -5.64 -4.36
C VAL B 165 18.00 -6.49 -5.62
N ARG B 166 17.75 -7.80 -5.47
CA ARG B 166 17.71 -8.70 -6.62
C ARG B 166 16.60 -8.29 -7.58
N MET B 167 15.45 -7.90 -7.04
CA MET B 167 14.32 -7.52 -7.88
C MET B 167 14.64 -6.27 -8.65
N ALA B 168 15.31 -5.32 -8.01
CA ALA B 168 15.71 -4.10 -8.70
C ALA B 168 16.70 -4.42 -9.82
N GLU B 169 17.68 -5.25 -9.53
CA GLU B 169 18.66 -5.61 -10.55
C GLU B 169 18.02 -6.30 -11.75
N GLU B 170 16.99 -7.12 -11.50
N GLU B 170 17.00 -7.11 -11.51
CA GLU B 170 16.31 -7.86 -12.54
CA GLU B 170 16.36 -7.84 -12.60
C GLU B 170 15.42 -6.98 -13.40
C GLU B 170 15.35 -7.00 -13.38
N HIS B 171 15.01 -5.81 -12.88
CA HIS B 171 14.13 -4.88 -13.58
C HIS B 171 14.76 -3.49 -13.72
N SER B 172 16.05 -3.43 -14.08
CA SER B 172 16.80 -2.17 -14.08
C SER B 172 16.36 -1.22 -15.20
N GLU B 173 15.58 -1.70 -16.16
CA GLU B 173 15.02 -0.81 -17.17
C GLU B 173 13.90 0.08 -16.63
N PHE B 174 13.34 -0.23 -15.43
CA PHE B 174 12.32 0.57 -14.81
C PHE B 174 12.70 0.98 -13.39
N VAL B 175 13.38 0.13 -12.64
CA VAL B 175 13.69 0.38 -11.24
C VAL B 175 15.01 1.12 -11.22
N VAL B 176 14.99 2.32 -10.64
CA VAL B 176 16.12 3.24 -10.61
C VAL B 176 16.78 3.31 -9.25
N GLY B 177 16.27 2.61 -8.25
CA GLY B 177 16.87 2.70 -6.93
C GLY B 177 15.92 2.19 -5.84
N PHE B 178 16.22 2.64 -4.62
CA PHE B 178 15.63 2.06 -3.44
C PHE B 178 15.21 3.12 -2.45
N ILE B 179 14.17 2.80 -1.66
CA ILE B 179 13.99 3.41 -0.36
C ILE B 179 14.70 2.50 0.63
N SER B 180 15.69 3.03 1.31
CA SER B 180 16.48 2.25 2.24
C SER B 180 17.06 3.18 3.31
N GLY B 181 17.65 2.55 4.34
CA GLY B 181 18.26 3.36 5.40
C GLY B 181 19.76 3.46 5.22
N SER B 182 20.29 2.74 4.23
N SER B 182 20.29 2.72 4.25
CA SER B 182 21.72 2.70 3.95
CA SER B 182 21.72 2.65 3.97
C SER B 182 21.91 2.19 2.53
C SER B 182 21.90 2.20 2.53
N ARG B 183 23.16 2.25 2.06
CA ARG B 183 23.48 1.65 0.77
C ARG B 183 23.16 0.15 0.83
N VAL B 184 22.35 -0.34 -0.10
CA VAL B 184 22.01 -1.75 -0.15
C VAL B 184 22.51 -2.42 -1.42
N SER B 185 22.74 -1.65 -2.49
CA SER B 185 23.31 -2.17 -3.72
C SER B 185 24.68 -1.56 -3.94
N MET B 186 25.60 -2.35 -4.44
CA MET B 186 26.94 -1.90 -4.80
C MET B 186 27.01 -1.32 -6.20
N LYS B 187 25.93 -1.32 -6.94
CA LYS B 187 25.94 -0.80 -8.31
C LYS B 187 25.65 0.69 -8.27
N PRO B 188 26.56 1.55 -8.77
CA PRO B 188 26.37 3.01 -8.62
C PRO B 188 25.26 3.57 -9.47
N GLU B 189 24.68 2.77 -10.37
N GLU B 189 24.68 2.77 -10.37
CA GLU B 189 23.55 3.20 -11.17
CA GLU B 189 23.56 3.26 -11.17
C GLU B 189 22.30 3.40 -10.35
C GLU B 189 22.26 3.32 -10.39
N PHE B 190 22.18 2.70 -9.22
CA PHE B 190 20.99 2.77 -8.39
C PHE B 190 21.07 3.91 -7.38
N LEU B 191 19.96 4.62 -7.24
CA LEU B 191 19.83 5.66 -6.22
C LEU B 191 19.39 5.04 -4.90
N HIS B 192 19.86 5.63 -3.79
CA HIS B 192 19.39 5.28 -2.45
C HIS B 192 18.79 6.51 -1.81
N LEU B 193 17.51 6.40 -1.44
CA LEU B 193 16.77 7.49 -0.79
C LEU B 193 16.39 7.06 0.62
N THR B 194 16.65 7.91 1.60
CA THR B 194 16.51 7.48 2.98
C THR B 194 15.57 8.41 3.74
N PRO B 195 14.40 7.89 4.16
CA PRO B 195 13.50 8.61 5.08
C PRO B 195 13.88 8.28 6.49
N GLY B 196 13.19 8.87 7.45
CA GLY B 196 13.62 8.75 8.84
C GLY B 196 14.85 9.59 9.11
N VAL B 197 14.81 10.85 8.71
CA VAL B 197 15.98 11.72 8.83
C VAL B 197 15.58 12.99 9.56
N GLN B 198 16.36 13.35 10.56
CA GLN B 198 16.22 14.60 11.30
C GLN B 198 17.59 14.98 11.84
N LEU B 199 17.80 16.28 12.02
CA LEU B 199 19.07 16.74 12.57
C LEU B 199 19.27 16.25 14.00
N GLU B 200 18.22 16.26 14.82
CA GLU B 200 18.34 15.84 16.20
C GLU B 200 17.96 14.36 16.32
N ALA B 201 18.48 13.71 17.35
CA ALA B 201 18.13 12.33 17.60
C ALA B 201 16.68 12.26 18.09
N GLY B 202 16.04 11.15 17.80
CA GLY B 202 14.73 10.89 18.35
C GLY B 202 13.87 10.12 17.37
N GLY B 203 12.57 10.22 17.60
CA GLY B 203 11.58 9.51 16.83
C GLY B 203 10.28 10.24 16.96
N ASP B 204 9.21 9.56 16.59
CA ASP B 204 7.87 10.05 16.89
C ASP B 204 7.15 9.04 17.79
N ASN B 205 5.88 9.28 18.04
CA ASN B 205 5.11 8.43 18.95
C ASN B 205 4.40 7.30 18.24
N LEU B 206 4.75 7.01 16.99
CA LEU B 206 4.11 6.01 16.19
C LEU B 206 5.13 5.25 15.38
N GLY B 207 6.29 5.00 16.01
CA GLY B 207 7.25 4.07 15.46
C GLY B 207 8.27 4.65 14.50
N GLN B 208 8.18 5.93 14.14
CA GLN B 208 9.23 6.51 13.29
C GLN B 208 10.53 6.64 14.10
N GLN B 209 11.63 6.34 13.47
CA GLN B 209 12.95 6.50 14.05
C GLN B 209 13.76 7.41 13.15
N TYR B 210 14.52 8.34 13.76
CA TYR B 210 15.32 9.29 13.00
C TYR B 210 16.81 9.05 13.16
N ASN B 211 17.53 9.31 12.08
CA ASN B 211 18.98 9.41 12.07
C ASN B 211 19.34 10.70 11.35
N SER B 212 20.56 11.17 11.59
CA SER B 212 20.99 12.46 11.06
C SER B 212 21.41 12.35 9.61
N PRO B 213 21.42 13.48 8.88
CA PRO B 213 21.98 13.45 7.50
C PRO B 213 23.41 12.96 7.45
N GLN B 214 24.24 13.36 8.40
CA GLN B 214 25.63 12.92 8.37
C GLN B 214 25.72 11.42 8.50
N GLU B 215 24.89 10.85 9.37
CA GLU B 215 24.90 9.40 9.55
C GLU B 215 24.44 8.67 8.28
N VAL B 216 23.34 9.12 7.66
CA VAL B 216 22.75 8.32 6.59
C VAL B 216 23.49 8.54 5.29
N ILE B 217 23.96 9.74 5.04
CA ILE B 217 24.66 10.01 3.80
C ILE B 217 26.13 9.65 3.94
N GLY B 218 26.75 10.08 5.03
CA GLY B 218 28.17 9.93 5.24
C GLY B 218 28.56 8.53 5.64
N LYS B 219 27.99 8.01 6.72
CA LYS B 219 28.43 6.73 7.25
C LYS B 219 27.69 5.55 6.61
N ARG B 220 26.41 5.72 6.33
CA ARG B 220 25.59 4.62 5.79
C ARG B 220 25.55 4.61 4.27
N GLY B 221 26.05 5.65 3.60
CA GLY B 221 26.25 5.56 2.16
C GLY B 221 25.04 5.78 1.29
N SER B 222 23.96 6.32 1.86
N SER B 222 23.96 6.33 1.86
CA SER B 222 22.81 6.69 1.05
CA SER B 222 22.82 6.69 1.05
C SER B 222 23.08 7.97 0.25
C SER B 222 23.14 7.90 0.17
N ASP B 223 22.21 8.21 -0.74
CA ASP B 223 22.38 9.30 -1.68
C ASP B 223 21.54 10.52 -1.35
N ILE B 224 20.29 10.31 -0.97
CA ILE B 224 19.30 11.36 -0.85
C ILE B 224 18.61 11.20 0.51
N ILE B 225 18.41 12.30 1.21
CA ILE B 225 17.62 12.29 2.44
C ILE B 225 16.21 12.73 2.14
N ILE B 226 15.23 12.01 2.68
CA ILE B 226 13.81 12.35 2.59
C ILE B 226 13.45 12.94 3.94
N VAL B 227 12.98 14.18 3.97
CA VAL B 227 12.72 14.89 5.22
C VAL B 227 11.33 15.50 5.12
N GLY B 228 10.46 15.15 6.05
CA GLY B 228 9.12 15.69 6.17
C GLY B 228 9.07 16.66 7.34
N ARG B 229 8.70 16.19 8.54
CA ARG B 229 8.43 17.09 9.67
C ARG B 229 9.64 17.93 10.07
N GLY B 230 10.86 17.43 9.85
CA GLY B 230 12.04 18.25 10.15
C GLY B 230 12.05 19.59 9.44
N ILE B 231 11.38 19.67 8.29
CA ILE B 231 11.20 20.92 7.57
C ILE B 231 9.79 21.46 7.78
N ILE B 232 8.78 20.63 7.48
CA ILE B 232 7.40 21.09 7.42
C ILE B 232 6.92 21.64 8.75
N SER B 233 7.45 21.12 9.87
CA SER B 233 7.02 21.61 11.18
C SER B 233 7.72 22.89 11.63
N ALA B 234 8.80 23.31 10.96
CA ALA B 234 9.49 24.55 11.33
C ALA B 234 8.60 25.73 10.95
N ALA B 235 8.83 26.87 11.60
CA ALA B 235 8.13 28.09 11.19
C ALA B 235 8.61 28.56 9.82
N ASP B 236 9.92 28.62 9.64
CA ASP B 236 10.51 29.04 8.38
C ASP B 236 10.97 27.74 7.70
N ARG B 237 10.15 27.25 6.78
CA ARG B 237 10.48 26.00 6.12
C ARG B 237 11.69 26.15 5.19
N LEU B 238 11.91 27.35 4.66
CA LEU B 238 13.05 27.53 3.76
C LEU B 238 14.36 27.40 4.52
N GLU B 239 14.47 28.03 5.67
CA GLU B 239 15.73 27.95 6.41
C GLU B 239 15.99 26.52 6.87
N ALA B 240 14.91 25.82 7.29
CA ALA B 240 15.06 24.41 7.67
C ALA B 240 15.57 23.58 6.50
N ALA B 241 14.98 23.75 5.32
CA ALA B 241 15.41 22.99 4.16
C ALA B 241 16.87 23.28 3.83
N GLU B 242 17.29 24.52 3.98
CA GLU B 242 18.69 24.85 3.70
C GLU B 242 19.60 24.16 4.70
N MET B 243 19.19 24.09 5.96
N MET B 243 19.19 24.09 5.97
CA MET B 243 20.00 23.36 6.94
CA MET B 243 20.01 23.35 6.94
C MET B 243 20.14 21.90 6.51
C MET B 243 20.14 21.90 6.54
N TYR B 244 19.04 21.27 6.13
CA TYR B 244 19.09 19.88 5.71
C TYR B 244 19.88 19.71 4.41
N ARG B 245 19.73 20.64 3.47
CA ARG B 245 20.47 20.52 2.22
C ARG B 245 21.97 20.57 2.46
N LYS B 246 22.41 21.55 3.25
CA LYS B 246 23.84 21.70 3.49
C LYS B 246 24.38 20.51 4.24
N ALA B 247 23.59 19.98 5.19
CA ALA B 247 24.00 18.78 5.91
C ALA B 247 24.20 17.61 4.96
N ALA B 248 23.17 17.31 4.15
CA ALA B 248 23.24 16.14 3.27
C ALA B 248 24.30 16.34 2.19
N TRP B 249 24.44 17.57 1.68
CA TRP B 249 25.40 17.83 0.60
C TRP B 249 26.84 17.69 1.07
N GLU B 250 27.18 18.32 2.19
N GLU B 250 27.18 18.31 2.19
CA GLU B 250 28.53 18.16 2.71
CA GLU B 250 28.52 18.19 2.74
C GLU B 250 28.82 16.71 3.08
C GLU B 250 28.83 16.77 3.19
N ALA B 251 27.82 16.01 3.65
CA ALA B 251 28.02 14.61 3.96
C ALA B 251 28.38 13.82 2.70
N TYR B 252 27.70 14.10 1.60
CA TYR B 252 28.03 13.44 0.34
C TYR B 252 29.43 13.81 -0.13
N LEU B 253 29.78 15.10 -0.08
CA LEU B 253 31.11 15.51 -0.51
C LEU B 253 32.20 14.83 0.30
N SER B 254 31.94 14.55 1.57
CA SER B 254 32.96 13.99 2.46
C SER B 254 33.32 12.56 2.07
N ARG B 255 32.43 11.83 1.42
N ARG B 255 32.39 11.87 1.41
CA ARG B 255 32.78 10.46 1.06
CA ARG B 255 32.61 10.50 0.97
C ARG B 255 33.43 10.37 -0.32
C ARG B 255 33.56 10.44 -0.22
N LEU B 256 33.59 11.49 -1.03
CA LEU B 256 34.31 11.43 -2.29
C LEU B 256 35.81 11.45 -2.10
N GLY B 257 36.29 12.11 -1.04
CA GLY B 257 37.73 12.25 -0.81
C GLY B 257 38.14 13.69 -0.64
N1 5MU C . -5.37 -9.39 -3.65
C2 5MU C . -4.84 -10.52 -4.22
N3 5MU C . -3.86 -11.13 -3.49
C4 5MU C . -3.30 -10.69 -2.30
C5 5MU C . -3.87 -9.48 -1.77
C5M 5MU C . -3.34 -8.94 -0.47
C6 5MU C . -4.85 -8.90 -2.45
O2 5MU C . -5.21 -10.98 -5.29
O4 5MU C . -2.42 -11.35 -1.75
C1' 5MU C . -6.52 -8.72 -4.28
C2' 5MU C . -6.19 -8.08 -5.60
O2' 5MU C . -5.53 -6.85 -5.70
C3' 5MU C . -7.53 -8.23 -6.31
C4' 5MU C . -8.20 -9.49 -5.71
O3' 5MU C . -8.26 -7.03 -6.05
O4' 5MU C . -7.56 -9.67 -4.44
C5' 5MU C . -8.01 -10.71 -6.59
O5' 5MU C . -8.81 -10.53 -7.78
P 5MU C . -8.92 -11.66 -8.92
OP1 5MU C . -7.59 -12.30 -9.19
OP2 5MU C . -9.51 -10.89 -10.07
OP3 5MU C . -9.85 -12.71 -8.39
HN3 5MU C . -3.55 -11.88 -3.83
H71 5MU C . -3.44 -7.97 -0.45
H72 5MU C . -2.40 -9.17 -0.38
H73 5MU C . -3.84 -9.32 0.28
H6 5MU C . -5.24 -8.10 -2.10
H1' 5MU C . -6.85 -8.01 -3.70
H2' 5MU C . -5.48 -8.65 -5.96
HO2' 5MU C . -6.00 -6.24 -5.33
H3' 5MU C . -7.41 -8.45 -7.26
H4' 5MU C . -9.15 -9.35 -5.54
HO3' 5MU C . -9.06 -7.14 -6.30
H5' 5MU C . -7.06 -10.81 -6.84
H5'' 5MU C . -8.30 -11.52 -6.10
N1 5MU D . 8.46 6.95 4.75
C2 5MU D . 9.11 6.79 5.95
N3 5MU D . 9.73 5.57 6.10
C4 5MU D . 9.76 4.53 5.19
C5 5MU D . 9.08 4.78 3.94
C5M 5MU D . 9.02 3.68 2.92
C6 5MU D . 8.43 5.94 3.80
O2 5MU D . 9.16 7.65 6.83
O4 5MU D . 10.38 3.49 5.46
C1' 5MU D . 7.82 8.25 4.44
C2' 5MU D . 6.67 8.60 5.31
O2' 5MU D . 5.42 8.04 5.08
C3' 5MU D . 6.76 10.11 5.36
C4' 5MU D . 8.26 10.41 5.18
O3' 5MU D . 6.04 10.69 4.27
O4' 5MU D . 8.82 9.24 4.56
C5' 5MU D . 8.97 10.68 6.47
O5' 5MU D . 8.44 11.90 7.03
P 5MU D . 9.01 12.51 8.43
OP1 5MU D . 9.13 11.39 9.45
OP2 5MU D . 8.00 13.57 8.74
OP3 5MU D . 10.37 13.09 8.11
HN3 5MU D . 10.17 5.45 6.87
H71 5MU D . 8.22 3.78 2.38
H72 5MU D . 9.00 2.82 3.35
H73 5MU D . 9.79 3.73 2.33
H6 5MU D . 7.93 6.09 3.00
H1' 5MU D . 7.49 8.23 3.50
H2' 5MU D . 6.90 8.21 6.18
HO2' 5MU D . 5.14 8.26 4.30
H3' 5MU D . 6.44 10.42 6.26
H4' 5MU D . 8.38 11.17 4.56
HO3' 5MU D . 6.23 11.52 4.23
H5' 5MU D . 8.84 9.93 7.10
H5'' 5MU D . 9.94 10.78 6.32
#